data_5I8B
#
_entry.id   5I8B
#
_cell.length_a   92.236
_cell.length_b   60.576
_cell.length_c   54.138
_cell.angle_alpha   90.000
_cell.angle_beta   102.750
_cell.angle_gamma   90.000
#
_symmetry.space_group_name_H-M   'C 1 2 1'
#
loop_
_entity.id
_entity.type
_entity.pdbx_description
1 polymer 'CREB-binding protein'
2 non-polymer 'ZINC ION'
3 non-polymer (4R)-6-[3-(benzyloxy)phenyl]-4-methyl-1,3,4,5-tetrahydro-2H-1,5-benzodiazepin-2-one
4 non-polymer 2-[3-(2-HYDROXY-1,1-DIHYDROXYMETHYL-ETHYLAMINO)-PROPYLAMINO]-2-HYDROXYMETHYL-PROPANE-1,3-DIOL
5 non-polymer 1,2-ETHANEDIOL
6 non-polymer 'SODIUM ION'
7 non-polymer DI(HYDROXYETHYL)ETHER
8 water water
#
_entity_poly.entity_id   1
_entity_poly.type   'polypeptide(L)'
_entity_poly.pdbx_seq_one_letter_code
;MHHHHHHGSLVPRGSMDYKDDDDKENLYFQGSRKKIFKPEELRQALMPTLEALYRQDPESLPFRQPVDPQLLGIPDYFDI
VKNPMDLSTIKRKLDTGQYQEPWQYVDDVWLMFNNAWLYNRKTSRVYKFCSKLAEVFEQEIDPVMQSLGYCCGRKYEFSP
QTLCCYGKQLCTIPRDAAYYSYQNRYHFCEKCFTEIQGENVTLGDDPSQPQTTISKDQFEKKKNDTLDPEPFVDCKECGR
KMHQICVLHYDIIWPSGFVCDNCL
;
_entity_poly.pdbx_strand_id   A
#
# COMPACT_ATOMS: atom_id res chain seq x y z
N GLY A 31 3.76 -20.29 -11.11
CA GLY A 31 4.62 -20.24 -12.29
C GLY A 31 4.92 -21.60 -12.88
N SER A 32 5.44 -21.60 -14.11
CA SER A 32 5.84 -22.85 -14.76
C SER A 32 7.09 -23.44 -14.09
N ARG A 33 8.13 -22.62 -13.92
CA ARG A 33 9.38 -23.01 -13.26
C ARG A 33 9.54 -22.14 -12.01
N LYS A 34 8.80 -22.50 -10.98
CA LYS A 34 8.47 -21.56 -9.92
C LYS A 34 9.70 -21.21 -9.08
N LYS A 35 9.82 -19.92 -8.74
CA LYS A 35 10.87 -19.51 -7.82
C LYS A 35 10.40 -19.79 -6.40
N ILE A 36 11.19 -20.57 -5.66
CA ILE A 36 10.93 -20.84 -4.26
C ILE A 36 12.00 -20.14 -3.46
N PHE A 37 11.59 -19.27 -2.53
CA PHE A 37 12.52 -18.55 -1.68
C PHE A 37 12.80 -19.36 -0.42
N LYS A 38 14.07 -19.63 -0.17
CA LYS A 38 14.32 -20.31 1.09
C LYS A 38 14.44 -19.27 2.21
N PRO A 39 14.13 -19.68 3.44
CA PRO A 39 14.07 -18.72 4.55
C PRO A 39 15.34 -17.92 4.73
N GLU A 40 16.52 -18.55 4.63
CA GLU A 40 17.76 -17.82 4.82
C GLU A 40 18.00 -16.80 3.71
N GLU A 41 17.56 -17.11 2.49
CA GLU A 41 17.64 -16.15 1.40
C GLU A 41 16.85 -14.90 1.72
N LEU A 42 15.61 -15.08 2.20
CA LEU A 42 14.80 -13.91 2.54
C LEU A 42 15.36 -13.19 3.76
N ARG A 43 15.82 -13.94 4.76
CA ARG A 43 16.32 -13.31 5.96
C ARG A 43 17.55 -12.45 5.67
N GLN A 44 18.50 -12.99 4.89
CA GLN A 44 19.72 -12.25 4.61
C GLN A 44 19.46 -11.03 3.75
N ALA A 45 18.50 -11.11 2.82
CA ALA A 45 18.21 -9.99 1.94
C ALA A 45 17.41 -8.91 2.66
N LEU A 46 16.42 -9.30 3.45
CA LEU A 46 15.45 -8.34 3.95
C LEU A 46 15.79 -7.81 5.34
N MET A 47 16.54 -8.56 6.14
CA MET A 47 16.84 -8.07 7.49
C MET A 47 17.54 -6.72 7.50
N PRO A 48 18.45 -6.40 6.58
CA PRO A 48 19.03 -5.05 6.59
C PRO A 48 17.99 -3.95 6.47
N THR A 49 16.89 -4.19 5.78
CA THR A 49 15.90 -3.12 5.69
C THR A 49 15.15 -2.96 7.01
N LEU A 50 14.93 -4.05 7.74
CA LEU A 50 14.33 -3.97 9.06
C LEU A 50 15.28 -3.29 10.03
N GLU A 51 16.57 -3.61 9.93
CA GLU A 51 17.55 -3.00 10.82
C GLU A 51 17.61 -1.50 10.59
N ALA A 52 17.48 -1.07 9.33
CA ALA A 52 17.42 0.37 9.03
C ALA A 52 16.29 1.06 9.77
N LEU A 53 15.15 0.39 9.94
CA LEU A 53 14.07 0.97 10.73
C LEU A 53 14.43 0.98 12.21
N TYR A 54 14.90 -0.16 12.73
CA TYR A 54 15.30 -0.23 14.13
CA TYR A 54 15.34 -0.26 14.12
C TYR A 54 16.34 0.84 14.48
N ARG A 55 17.25 1.16 13.55
CA ARG A 55 18.30 2.15 13.82
C ARG A 55 17.76 3.53 14.11
N GLN A 56 16.55 3.85 13.65
CA GLN A 56 16.02 5.20 13.82
C GLN A 56 15.68 5.42 15.29
N ASP A 57 16.33 6.43 15.90
CA ASP A 57 16.14 6.76 17.29
C ASP A 57 15.89 8.27 17.26
N PRO A 58 14.70 8.73 17.71
CA PRO A 58 13.69 8.05 18.51
C PRO A 58 12.60 7.32 17.74
N GLU A 59 12.61 7.39 16.39
CA GLU A 59 11.37 7.11 15.67
C GLU A 59 10.95 5.64 15.71
N SER A 60 11.89 4.70 15.87
CA SER A 60 11.47 3.30 15.95
C SER A 60 10.93 2.91 17.33
N LEU A 61 11.13 3.74 18.35
CA LEU A 61 10.83 3.27 19.70
C LEU A 61 9.39 2.83 19.91
N PRO A 62 8.37 3.51 19.39
CA PRO A 62 6.99 3.02 19.57
C PRO A 62 6.70 1.72 18.86
N PHE A 63 7.59 1.28 17.96
CA PHE A 63 7.33 0.17 17.05
C PHE A 63 8.18 -1.06 17.35
N ARG A 64 9.02 -1.02 18.37
CA ARG A 64 9.95 -2.12 18.60
C ARG A 64 9.32 -3.31 19.30
N GLN A 65 8.12 -3.17 19.84
CA GLN A 65 7.51 -4.21 20.65
C GLN A 65 6.03 -4.28 20.34
N PRO A 66 5.39 -5.42 20.57
CA PRO A 66 3.95 -5.52 20.33
C PRO A 66 3.18 -4.51 21.18
N VAL A 67 2.17 -3.90 20.56
CA VAL A 67 1.34 -2.91 21.25
C VAL A 67 0.60 -3.58 22.40
N ASP A 68 0.69 -2.98 23.58
CA ASP A 68 0.13 -3.51 24.83
C ASP A 68 -0.87 -2.47 25.31
N PRO A 69 -2.14 -2.57 24.90
CA PRO A 69 -3.08 -1.47 25.18
C PRO A 69 -3.32 -1.19 26.65
N GLN A 70 -3.36 -2.21 27.51
CA GLN A 70 -3.56 -1.93 28.92
C GLN A 70 -2.36 -1.20 29.51
N LEU A 71 -1.14 -1.62 29.16
CA LEU A 71 0.05 -0.98 29.69
C LEU A 71 0.18 0.46 29.20
N LEU A 72 -0.14 0.70 27.93
CA LEU A 72 -0.03 2.03 27.34
C LEU A 72 -1.21 2.92 27.68
N GLY A 73 -2.29 2.36 28.23
CA GLY A 73 -3.46 3.16 28.52
C GLY A 73 -4.29 3.54 27.31
N ILE A 74 -4.32 2.69 26.29
CA ILE A 74 -5.14 2.94 25.11
C ILE A 74 -6.12 1.78 24.93
N PRO A 75 -7.10 1.65 25.83
CA PRO A 75 -7.95 0.45 25.85
C PRO A 75 -8.84 0.28 24.62
N ASP A 76 -9.00 1.30 23.79
CA ASP A 76 -9.81 1.15 22.59
C ASP A 76 -8.99 0.67 21.39
N TYR A 77 -7.71 0.34 21.60
CA TYR A 77 -6.81 0.10 20.47
C TYR A 77 -7.33 -0.98 19.55
N PHE A 78 -7.72 -2.14 20.11
CA PHE A 78 -8.17 -3.24 19.27
C PHE A 78 -9.59 -3.05 18.74
N ASP A 79 -10.33 -2.03 19.19
CA ASP A 79 -11.54 -1.65 18.47
C ASP A 79 -11.22 -1.11 17.09
N ILE A 80 -10.06 -0.47 16.95
CA ILE A 80 -9.68 0.21 15.73
C ILE A 80 -8.70 -0.60 14.90
N VAL A 81 -7.71 -1.20 15.55
CA VAL A 81 -6.68 -1.99 14.90
C VAL A 81 -7.01 -3.47 15.09
N LYS A 82 -7.44 -4.14 14.01
CA LYS A 82 -7.85 -5.54 14.12
C LYS A 82 -6.69 -6.52 13.97
N ASN A 83 -5.60 -6.12 13.32
CA ASN A 83 -4.48 -7.01 13.07
C ASN A 83 -3.20 -6.23 13.36
N PRO A 84 -2.75 -6.25 14.61
CA PRO A 84 -1.53 -5.51 14.99
C PRO A 84 -0.30 -6.07 14.32
N MET A 85 0.72 -5.21 14.20
CA MET A 85 2.02 -5.62 13.67
C MET A 85 3.09 -4.69 14.24
N ASP A 86 4.30 -5.23 14.45
CA ASP A 86 5.39 -4.45 15.03
C ASP A 86 6.73 -5.01 14.57
N LEU A 87 7.80 -4.27 14.84
CA LEU A 87 9.12 -4.69 14.34
C LEU A 87 9.53 -6.04 14.91
N SER A 88 9.26 -6.28 16.19
CA SER A 88 9.72 -7.53 16.80
C SER A 88 9.04 -8.74 16.16
N THR A 89 7.76 -8.59 15.82
CA THR A 89 7.02 -9.68 15.18
C THR A 89 7.53 -9.91 13.75
N ILE A 90 7.78 -8.85 13.00
CA ILE A 90 8.34 -9.02 11.66
C ILE A 90 9.69 -9.73 11.73
N LYS A 91 10.55 -9.30 12.67
CA LYS A 91 11.84 -9.94 12.82
C LYS A 91 11.69 -11.42 13.12
N ARG A 92 10.76 -11.76 14.03
CA ARG A 92 10.56 -13.15 14.39
C ARG A 92 10.07 -13.97 13.20
N LYS A 93 9.21 -13.37 12.36
CA LYS A 93 8.72 -14.06 11.17
C LYS A 93 9.85 -14.32 10.17
N LEU A 94 10.76 -13.36 10.00
CA LEU A 94 11.93 -13.59 9.16
C LEU A 94 12.83 -14.66 9.76
N ASP A 95 12.99 -14.63 11.09
CA ASP A 95 13.88 -15.57 11.76
C ASP A 95 13.35 -17.00 11.75
N THR A 96 12.03 -17.18 11.57
CA THR A 96 11.44 -18.51 11.60
C THR A 96 10.90 -18.94 10.24
N GLY A 97 11.23 -18.23 9.18
CA GLY A 97 10.80 -18.60 7.84
C GLY A 97 9.30 -18.56 7.58
N GLN A 98 8.59 -17.58 8.14
CA GLN A 98 7.14 -17.52 7.99
C GLN A 98 6.70 -16.79 6.71
N TYR A 99 7.63 -16.23 5.96
CA TYR A 99 7.33 -15.59 4.68
C TYR A 99 7.74 -16.51 3.54
N GLN A 100 6.82 -16.75 2.60
CA GLN A 100 7.15 -17.52 1.40
C GLN A 100 7.75 -16.66 0.30
N GLU A 101 7.38 -15.39 0.22
CA GLU A 101 7.93 -14.52 -0.80
C GLU A 101 7.97 -13.12 -0.24
N PRO A 102 8.84 -12.26 -0.77
CA PRO A 102 9.17 -11.02 -0.03
C PRO A 102 8.05 -9.98 0.00
N TRP A 103 7.08 -10.00 -0.92
CA TRP A 103 5.98 -9.04 -0.79
C TRP A 103 5.15 -9.28 0.48
N GLN A 104 5.20 -10.49 1.05
CA GLN A 104 4.52 -10.69 2.33
C GLN A 104 5.20 -9.92 3.44
N TYR A 105 6.52 -9.79 3.37
CA TYR A 105 7.25 -8.96 4.32
C TYR A 105 6.92 -7.49 4.11
N VAL A 106 6.94 -7.04 2.86
CA VAL A 106 6.59 -5.65 2.57
C VAL A 106 5.18 -5.35 3.09
N ASP A 107 4.25 -6.29 2.91
CA ASP A 107 2.89 -6.06 3.37
C ASP A 107 2.83 -5.90 4.89
N ASP A 108 3.64 -6.67 5.62
CA ASP A 108 3.64 -6.56 7.07
C ASP A 108 4.21 -5.22 7.52
N VAL A 109 5.27 -4.74 6.87
CA VAL A 109 5.82 -3.44 7.20
C VAL A 109 4.76 -2.35 7.03
N TRP A 110 4.04 -2.37 5.91
CA TRP A 110 3.03 -1.35 5.69
C TRP A 110 1.80 -1.56 6.56
N LEU A 111 1.48 -2.80 6.97
CA LEU A 111 0.42 -3.00 7.94
C LEU A 111 0.77 -2.29 9.25
N MET A 112 2.01 -2.46 9.71
CA MET A 112 2.49 -1.74 10.89
C MET A 112 2.31 -0.23 10.72
N PHE A 113 2.75 0.32 9.60
CA PHE A 113 2.62 1.76 9.39
C PHE A 113 1.16 2.18 9.33
N ASN A 114 0.35 1.47 8.55
CA ASN A 114 -1.03 1.88 8.36
C ASN A 114 -1.82 1.80 9.66
N ASN A 115 -1.55 0.80 10.49
CA ASN A 115 -2.19 0.75 11.81
C ASN A 115 -1.92 2.03 12.58
N ALA A 116 -0.66 2.47 12.59
CA ALA A 116 -0.30 3.64 13.38
C ALA A 116 -0.88 4.91 12.78
N TRP A 117 -0.90 5.02 11.45
CA TRP A 117 -1.50 6.24 10.88
C TRP A 117 -3.00 6.26 11.10
N LEU A 118 -3.64 5.10 11.22
CA LEU A 118 -5.07 5.06 11.48
C LEU A 118 -5.38 5.38 12.94
N TYR A 119 -4.66 4.74 13.87
CA TYR A 119 -5.02 4.85 15.27
C TYR A 119 -4.66 6.22 15.84
N ASN A 120 -3.53 6.79 15.40
CA ASN A 120 -2.99 8.00 16.00
C ASN A 120 -3.35 9.23 15.19
N ARG A 121 -3.48 10.36 15.88
N ARG A 121 -3.47 10.37 15.89
CA ARG A 121 -3.79 11.62 15.22
CA ARG A 121 -3.77 11.63 15.23
C ARG A 121 -2.56 12.14 14.46
C ARG A 121 -2.56 12.12 14.46
N LYS A 122 -2.82 12.89 13.39
CA LYS A 122 -1.73 13.41 12.55
C LYS A 122 -0.74 14.26 13.34
N THR A 123 -1.21 14.93 14.39
CA THR A 123 -0.36 15.80 15.19
C THR A 123 0.40 15.05 16.28
N SER A 124 0.20 13.75 16.42
CA SER A 124 0.80 13.01 17.52
C SER A 124 2.23 12.60 17.21
N ARG A 125 3.00 12.41 18.27
CA ARG A 125 4.38 11.93 18.17
C ARG A 125 4.45 10.60 17.41
N VAL A 126 3.59 9.65 17.76
CA VAL A 126 3.67 8.33 17.14
C VAL A 126 3.38 8.40 15.64
N TYR A 127 2.41 9.23 15.24
CA TYR A 127 2.11 9.39 13.82
C TYR A 127 3.33 9.95 13.08
N LYS A 128 3.93 11.01 13.62
CA LYS A 128 5.07 11.63 12.95
C LYS A 128 6.25 10.67 12.91
N PHE A 129 6.46 9.88 13.96
CA PHE A 129 7.53 8.90 13.96
C PHE A 129 7.30 7.83 12.90
N CYS A 130 6.05 7.39 12.77
CA CYS A 130 5.70 6.43 11.72
C CYS A 130 6.07 6.98 10.35
N SER A 131 5.75 8.24 10.08
CA SER A 131 6.04 8.81 8.77
C SER A 131 7.54 8.81 8.49
N LYS A 132 8.36 9.10 9.49
CA LYS A 132 9.80 9.00 9.31
C LYS A 132 10.22 7.58 8.96
N LEU A 133 9.68 6.58 9.67
CA LEU A 133 10.05 5.21 9.38
C LEU A 133 9.67 4.83 7.95
N ALA A 134 8.48 5.25 7.51
CA ALA A 134 8.06 4.93 6.15
C ALA A 134 9.00 5.56 5.13
N GLU A 135 9.44 6.81 5.39
CA GLU A 135 10.40 7.46 4.50
CA GLU A 135 10.39 7.45 4.49
C GLU A 135 11.69 6.65 4.38
N VAL A 136 12.19 6.18 5.52
CA VAL A 136 13.40 5.35 5.52
C VAL A 136 13.16 4.07 4.72
N PHE A 137 12.05 3.40 4.99
CA PHE A 137 11.76 2.13 4.32
C PHE A 137 11.72 2.29 2.82
N GLU A 138 11.02 3.33 2.33
CA GLU A 138 10.88 3.50 0.90
C GLU A 138 12.21 3.75 0.23
N GLN A 139 13.18 4.32 0.96
CA GLN A 139 14.50 4.55 0.41
C GLN A 139 15.39 3.30 0.42
N GLU A 140 15.05 2.31 1.25
CA GLU A 140 15.85 1.09 1.40
C GLU A 140 15.37 -0.07 0.53
N ILE A 141 14.07 -0.15 0.24
CA ILE A 141 13.51 -1.44 -0.15
C ILE A 141 13.75 -1.78 -1.62
N ASP A 142 13.85 -0.78 -2.51
CA ASP A 142 13.91 -1.09 -3.95
C ASP A 142 15.15 -1.90 -4.33
N PRO A 143 16.38 -1.52 -3.96
CA PRO A 143 17.53 -2.32 -4.39
C PRO A 143 17.52 -3.71 -3.79
N VAL A 144 16.97 -3.85 -2.59
CA VAL A 144 16.88 -5.17 -1.95
C VAL A 144 15.90 -6.06 -2.72
N MET A 145 14.73 -5.52 -3.05
CA MET A 145 13.80 -6.33 -3.83
C MET A 145 14.36 -6.63 -5.21
N GLN A 146 15.09 -5.69 -5.81
CA GLN A 146 15.73 -5.95 -7.10
C GLN A 146 16.75 -7.08 -7.00
N SER A 147 17.48 -7.16 -5.87
CA SER A 147 18.43 -8.25 -5.70
C SER A 147 17.73 -9.61 -5.57
N LEU A 148 16.46 -9.62 -5.18
CA LEU A 148 15.66 -10.83 -5.16
C LEU A 148 14.93 -11.08 -6.47
N GLY A 149 15.23 -10.29 -7.51
CA GLY A 149 14.72 -10.50 -8.85
C GLY A 149 13.48 -9.70 -9.21
N TYR A 150 13.08 -8.74 -8.39
CA TYR A 150 11.85 -7.97 -8.62
C TYR A 150 12.16 -6.65 -9.31
N CYS A 151 11.09 -6.02 -9.80
CA CYS A 151 11.22 -4.73 -10.47
C CYS A 151 11.63 -3.63 -9.49
N CYS A 152 11.06 -3.65 -8.30
CA CYS A 152 11.27 -2.67 -7.22
C CYS A 152 10.57 -3.20 -5.98
N GLY A 153 10.53 -2.39 -4.91
CA GLY A 153 9.83 -2.80 -3.70
C GLY A 153 8.71 -1.87 -3.28
N ARG A 154 8.25 -1.04 -4.22
CA ARG A 154 7.29 0.02 -3.91
C ARG A 154 5.86 -0.51 -3.90
N LYS A 155 5.18 -0.37 -2.76
CA LYS A 155 3.84 -0.97 -2.66
C LYS A 155 2.77 -0.10 -3.32
N TYR A 156 2.76 1.20 -3.04
CA TYR A 156 1.67 2.05 -3.45
C TYR A 156 1.96 2.84 -4.72
N GLU A 157 0.90 3.14 -5.47
N GLU A 157 0.89 3.14 -5.47
CA GLU A 157 1.00 4.04 -6.60
CA GLU A 157 0.97 4.04 -6.60
C GLU A 157 1.54 5.39 -6.14
C GLU A 157 1.49 5.41 -6.15
N PHE A 158 2.07 6.15 -7.10
CA PHE A 158 2.72 7.41 -6.74
C PHE A 158 1.72 8.49 -6.37
N SER A 159 0.53 8.49 -6.95
N SER A 159 0.53 8.48 -6.95
CA SER A 159 -0.41 9.58 -6.78
CA SER A 159 -0.42 9.57 -6.80
C SER A 159 -1.82 9.04 -6.72
C SER A 159 -1.83 9.02 -6.70
N PRO A 160 -2.74 9.74 -6.04
CA PRO A 160 -4.14 9.35 -6.08
C PRO A 160 -4.63 9.42 -7.53
N GLN A 161 -5.56 8.54 -7.87
CA GLN A 161 -6.10 8.59 -9.23
C GLN A 161 -7.07 9.75 -9.36
N THR A 162 -7.02 10.41 -10.52
CA THR A 162 -7.96 11.48 -10.83
C THR A 162 -9.36 10.89 -10.92
N LEU A 163 -10.31 11.56 -10.28
CA LEU A 163 -11.67 11.08 -10.23
C LEU A 163 -12.56 11.87 -11.19
N CYS A 164 -13.57 11.19 -11.71
CA CYS A 164 -14.52 11.83 -12.61
C CYS A 164 -15.64 12.46 -11.82
N CYS A 165 -16.00 13.68 -12.20
CA CYS A 165 -16.97 14.50 -11.52
C CYS A 165 -18.28 14.49 -12.28
N TYR A 166 -19.39 14.19 -11.57
CA TYR A 166 -20.64 13.79 -12.22
C TYR A 166 -21.45 14.91 -12.84
N GLY A 167 -21.33 16.16 -12.36
CA GLY A 167 -22.32 17.18 -12.73
C GLY A 167 -21.90 18.02 -13.93
N LYS A 168 -20.62 18.00 -14.29
CA LYS A 168 -20.23 18.46 -15.61
C LYS A 168 -19.59 17.28 -16.34
N GLN A 169 -19.51 17.43 -17.65
CA GLN A 169 -18.90 16.42 -18.50
C GLN A 169 -17.38 16.53 -18.41
N LEU A 170 -16.87 17.74 -18.59
CA LEU A 170 -15.46 18.08 -18.50
C LEU A 170 -14.84 17.78 -17.14
N CYS A 171 -15.64 17.79 -16.06
CA CYS A 171 -15.12 18.04 -14.72
C CYS A 171 -14.45 16.80 -14.13
N THR A 172 -13.28 16.99 -13.52
CA THR A 172 -12.55 15.93 -12.85
C THR A 172 -12.03 16.43 -11.51
N ILE A 173 -11.82 15.49 -10.59
CA ILE A 173 -11.38 15.79 -9.23
C ILE A 173 -9.89 15.45 -9.14
N PRO A 174 -9.01 16.43 -9.00
CA PRO A 174 -7.56 16.16 -8.96
C PRO A 174 -7.15 15.56 -7.62
N ARG A 175 -5.86 15.25 -7.51
CA ARG A 175 -5.34 14.73 -6.26
C ARG A 175 -5.47 15.77 -5.16
N ASP A 176 -5.73 15.30 -3.94
CA ASP A 176 -5.83 16.07 -2.72
C ASP A 176 -7.04 17.00 -2.69
N ALA A 177 -7.88 16.99 -3.72
CA ALA A 177 -9.05 17.85 -3.73
C ALA A 177 -10.16 17.27 -2.87
N ALA A 178 -10.99 18.16 -2.32
CA ALA A 178 -12.15 17.73 -1.56
C ALA A 178 -13.32 17.43 -2.50
N TYR A 179 -14.16 16.49 -2.08
CA TYR A 179 -15.28 16.04 -2.92
C TYR A 179 -16.26 15.25 -2.05
N TYR A 180 -17.44 14.99 -2.60
CA TYR A 180 -18.47 14.19 -1.97
C TYR A 180 -18.66 12.89 -2.74
N SER A 181 -19.02 11.83 -2.03
CA SER A 181 -19.10 10.52 -2.67
C SER A 181 -20.19 9.67 -2.03
N TYR A 182 -20.99 9.04 -2.90
CA TYR A 182 -21.97 8.03 -2.51
C TYR A 182 -21.43 6.67 -2.92
N GLN A 183 -21.39 5.74 -1.97
CA GLN A 183 -21.12 4.34 -2.28
C GLN A 183 -19.74 4.13 -2.92
N ASN A 184 -18.82 5.08 -2.71
CA ASN A 184 -17.47 5.04 -3.27
C ASN A 184 -17.47 5.18 -4.79
N ARG A 185 -18.50 5.77 -5.38
CA ARG A 185 -18.64 5.61 -6.84
C ARG A 185 -19.06 6.88 -7.55
N TYR A 186 -20.23 7.41 -7.18
CA TYR A 186 -20.70 8.66 -7.75
C TYR A 186 -20.04 9.80 -6.99
N HIS A 187 -19.20 10.54 -7.68
CA HIS A 187 -18.38 11.55 -7.04
C HIS A 187 -18.74 12.92 -7.57
N PHE A 188 -18.61 13.89 -6.70
CA PHE A 188 -18.78 15.26 -7.10
C PHE A 188 -17.79 16.18 -6.40
N CYS A 189 -17.08 16.98 -7.19
CA CYS A 189 -16.36 18.13 -6.66
C CYS A 189 -17.33 19.06 -5.93
N GLU A 190 -16.84 19.66 -4.85
CA GLU A 190 -17.70 20.37 -3.91
C GLU A 190 -18.33 21.62 -4.50
N LYS A 191 -17.75 22.22 -5.55
CA LYS A 191 -18.35 23.41 -6.14
C LYS A 191 -19.70 23.13 -6.80
N CYS A 192 -19.77 22.09 -7.65
CA CYS A 192 -21.03 21.85 -8.34
C CYS A 192 -21.97 20.98 -7.47
N PHE A 193 -21.45 20.40 -6.39
CA PHE A 193 -22.28 19.77 -5.36
C PHE A 193 -23.12 20.85 -4.67
N THR A 202 -30.15 12.30 -8.63
CA THR A 202 -30.20 12.41 -10.09
C THR A 202 -29.02 11.67 -10.74
N LEU A 203 -28.77 10.44 -10.32
CA LEU A 203 -27.55 9.73 -10.65
C LEU A 203 -27.80 8.63 -11.67
N GLY A 204 -26.86 8.49 -12.60
CA GLY A 204 -26.81 7.36 -13.50
C GLY A 204 -25.44 7.27 -14.13
N ASP A 205 -25.05 6.06 -14.53
CA ASP A 205 -23.72 5.85 -15.09
C ASP A 205 -23.72 5.52 -16.57
N ASP A 206 -24.87 5.66 -17.25
CA ASP A 206 -24.95 5.38 -18.67
C ASP A 206 -26.20 6.07 -19.21
N PRO A 207 -26.17 6.64 -20.42
CA PRO A 207 -27.36 7.35 -20.92
C PRO A 207 -28.62 6.49 -20.99
N SER A 208 -28.47 5.17 -21.10
CA SER A 208 -29.64 4.30 -21.16
C SER A 208 -30.07 3.79 -19.80
N GLN A 209 -29.33 4.09 -18.74
CA GLN A 209 -29.63 3.57 -17.40
C GLN A 209 -30.65 4.46 -16.72
N PRO A 210 -31.81 3.95 -16.33
CA PRO A 210 -32.80 4.81 -15.66
C PRO A 210 -32.18 5.43 -14.41
N GLN A 211 -32.21 6.75 -14.35
CA GLN A 211 -31.54 7.44 -13.26
C GLN A 211 -32.38 7.31 -11.98
N THR A 212 -31.71 7.38 -10.85
CA THR A 212 -32.35 7.30 -9.55
C THR A 212 -32.07 8.57 -8.78
N THR A 213 -33.02 8.96 -7.93
CA THR A 213 -32.83 10.11 -7.05
C THR A 213 -32.23 9.62 -5.74
N ILE A 214 -31.01 10.05 -5.46
CA ILE A 214 -30.35 9.73 -4.20
C ILE A 214 -30.35 10.99 -3.34
N SER A 215 -30.50 10.79 -2.04
CA SER A 215 -30.68 11.88 -1.10
C SER A 215 -29.36 12.63 -0.93
N LYS A 216 -29.30 13.86 -1.45
CA LYS A 216 -28.24 14.79 -1.07
C LYS A 216 -28.31 15.03 0.44
N ASP A 217 -27.28 14.54 1.14
CA ASP A 217 -27.19 14.34 2.59
C ASP A 217 -27.07 12.85 2.92
N GLN A 218 -26.93 12.03 1.89
CA GLN A 218 -26.54 10.64 2.01
C GLN A 218 -25.14 10.40 1.51
N PHE A 219 -24.48 11.45 1.01
CA PHE A 219 -23.10 11.39 0.58
C PHE A 219 -22.15 11.55 1.76
N GLU A 220 -20.87 11.32 1.50
CA GLU A 220 -19.82 11.48 2.49
C GLU A 220 -18.76 12.40 1.93
N LYS A 221 -18.44 13.46 2.65
CA LYS A 221 -17.35 14.34 2.25
C LYS A 221 -16.02 13.62 2.44
N LYS A 222 -15.13 13.76 1.46
CA LYS A 222 -13.87 13.05 1.46
C LYS A 222 -12.79 13.94 0.86
N LYS A 223 -11.55 13.45 0.92
CA LYS A 223 -10.41 14.09 0.29
C LYS A 223 -9.74 13.07 -0.63
N ASN A 224 -9.30 13.53 -1.80
CA ASN A 224 -8.76 12.62 -2.81
C ASN A 224 -7.26 12.44 -2.62
N ASP A 225 -6.91 11.85 -1.47
CA ASP A 225 -5.49 11.72 -1.10
C ASP A 225 -5.10 10.29 -0.77
N THR A 226 -5.90 9.31 -1.19
CA THR A 226 -5.61 7.90 -0.95
C THR A 226 -4.77 7.33 -2.09
N LEU A 227 -3.75 6.55 -1.74
CA LEU A 227 -2.93 5.84 -2.71
C LEU A 227 -3.34 4.37 -2.73
N ASP A 228 -3.65 3.84 -3.96
CA ASP A 228 -3.97 2.43 -4.13
C ASP A 228 -2.70 1.60 -4.33
N PRO A 229 -2.71 0.33 -3.96
CA PRO A 229 -1.54 -0.53 -4.27
C PRO A 229 -1.29 -0.57 -5.78
N GLU A 230 -0.01 -0.54 -6.16
CA GLU A 230 0.40 -0.67 -7.56
C GLU A 230 0.05 -2.08 -8.05
N PRO A 231 -0.73 -2.23 -9.13
CA PRO A 231 -1.19 -3.57 -9.51
C PRO A 231 -0.10 -4.43 -10.12
N PHE A 232 -0.25 -5.75 -9.96
CA PHE A 232 0.76 -6.72 -10.32
C PHE A 232 0.41 -7.51 -11.58
N VAL A 233 1.44 -8.07 -12.19
CA VAL A 233 1.34 -9.13 -13.17
C VAL A 233 2.37 -10.20 -12.79
N ASP A 234 1.99 -11.46 -12.86
CA ASP A 234 2.90 -12.53 -12.46
C ASP A 234 3.72 -13.01 -13.65
N CYS A 235 5.01 -13.24 -13.43
CA CYS A 235 5.82 -13.92 -14.43
C CYS A 235 5.31 -15.34 -14.59
N LYS A 236 5.02 -15.74 -15.84
CA LYS A 236 4.44 -17.06 -16.02
C LYS A 236 5.44 -18.17 -15.81
N GLU A 237 6.75 -17.85 -15.80
CA GLU A 237 7.77 -18.87 -15.51
C GLU A 237 8.06 -18.96 -14.01
N CYS A 238 8.65 -17.91 -13.43
CA CYS A 238 9.09 -17.98 -12.03
C CYS A 238 7.99 -17.64 -11.04
N GLY A 239 6.89 -17.05 -11.47
CA GLY A 239 5.79 -16.75 -10.58
C GLY A 239 5.95 -15.50 -9.75
N ARG A 240 7.05 -14.77 -9.89
CA ARG A 240 7.21 -13.52 -9.14
C ARG A 240 6.15 -12.50 -9.54
N LYS A 241 5.62 -11.79 -8.54
CA LYS A 241 4.69 -10.69 -8.77
C LYS A 241 5.48 -9.44 -9.11
N MET A 242 5.27 -8.89 -10.32
CA MET A 242 5.93 -7.67 -10.79
C MET A 242 4.88 -6.61 -11.01
N HIS A 243 5.26 -5.33 -10.87
CA HIS A 243 4.28 -4.28 -11.16
C HIS A 243 4.04 -4.15 -12.65
N GLN A 244 2.76 -4.07 -13.03
CA GLN A 244 2.43 -3.78 -14.43
C GLN A 244 3.15 -2.54 -14.95
N ILE A 245 3.16 -1.44 -14.19
N ILE A 245 3.18 -1.48 -14.15
CA ILE A 245 3.80 -0.26 -14.78
CA ILE A 245 3.78 -0.23 -14.61
C ILE A 245 5.32 -0.38 -14.80
C ILE A 245 5.30 -0.35 -14.74
N CYS A 246 5.93 -1.27 -14.00
CA CYS A 246 7.37 -1.43 -14.07
C CYS A 246 7.81 -2.30 -15.24
N VAL A 247 7.00 -3.27 -15.66
CA VAL A 247 7.47 -4.32 -16.58
C VAL A 247 6.70 -4.39 -17.88
N LEU A 248 5.53 -3.76 -17.99
CA LEU A 248 4.73 -3.81 -19.21
C LEU A 248 4.86 -2.45 -19.90
N HIS A 249 5.26 -2.47 -21.15
CA HIS A 249 5.59 -1.25 -21.87
C HIS A 249 4.68 -1.07 -23.09
N TYR A 250 4.49 0.20 -23.47
CA TYR A 250 3.51 0.59 -24.47
C TYR A 250 3.77 -0.04 -25.82
N ASP A 251 5.01 -0.47 -26.09
CA ASP A 251 5.36 -0.97 -27.41
C ASP A 251 5.61 -2.48 -27.44
N ILE A 252 5.23 -3.21 -26.37
CA ILE A 252 5.51 -4.63 -26.26
C ILE A 252 4.19 -5.38 -26.03
N ILE A 253 3.99 -6.49 -26.77
CA ILE A 253 2.85 -7.40 -26.61
C ILE A 253 3.32 -8.69 -25.99
N TRP A 254 2.48 -9.29 -25.15
CA TRP A 254 2.75 -10.58 -24.52
C TRP A 254 1.61 -11.56 -24.80
N PRO A 255 1.49 -12.05 -26.04
CA PRO A 255 0.35 -12.92 -26.36
C PRO A 255 0.35 -14.22 -25.58
N SER A 256 1.50 -14.77 -25.25
CA SER A 256 1.62 -16.01 -24.48
CA SER A 256 1.56 -16.01 -24.48
C SER A 256 1.80 -15.77 -22.99
N GLY A 257 1.67 -14.53 -22.53
CA GLY A 257 1.81 -14.26 -21.11
C GLY A 257 3.13 -13.58 -20.78
N PHE A 258 3.11 -12.74 -19.75
CA PHE A 258 4.31 -12.01 -19.36
C PHE A 258 5.40 -12.95 -18.85
N VAL A 259 6.65 -12.70 -19.28
CA VAL A 259 7.84 -13.39 -18.79
C VAL A 259 8.86 -12.34 -18.37
N CYS A 260 9.36 -12.44 -17.14
CA CYS A 260 10.25 -11.38 -16.64
C CYS A 260 11.64 -11.50 -17.27
N ASP A 261 12.42 -10.43 -17.09
CA ASP A 261 13.71 -10.31 -17.77
C ASP A 261 14.66 -11.46 -17.42
N ASN A 262 14.64 -11.92 -16.16
CA ASN A 262 15.52 -12.99 -15.74
C ASN A 262 15.10 -14.36 -16.28
N CYS A 263 13.83 -14.54 -16.64
CA CYS A 263 13.35 -15.82 -17.16
C CYS A 263 13.38 -15.90 -18.67
N LEU A 264 13.64 -14.80 -19.37
CA LEU A 264 13.66 -14.78 -20.83
C LEU A 264 14.77 -15.66 -21.39
#